data_3C5O
#
_entry.id   3C5O
#
_cell.length_a   62.117
_cell.length_b   93.248
_cell.length_c   111.340
_cell.angle_alpha   90.00
_cell.angle_beta   90.00
_cell.angle_gamma   90.00
#
_symmetry.space_group_name_H-M   'P 21 21 21'
#
loop_
_entity.id
_entity.type
_entity.pdbx_description
1 polymer 'UPF0311 protein RPA1785'
2 non-polymer GLYCEROL
3 water water
#
_entity_poly.entity_id   1
_entity_poly.type   'polypeptide(L)'
_entity_poly.pdbx_seq_one_letter_code
;GH(MSE)TPTLETKYVFTITARIGDVTSAGEIGTGVRRIIPILGGEVKGEGISGQVLPFGADFQIIRPNELIELEAKYAF
ETDDGAVVYVENVGIRFGPVELLRKLKRGEPVDPKVIYFRTRPRFETGHPNYQWL(MSE)QYLFVGSAARHADRVVIDVH
QVLGS
;
_entity_poly.pdbx_strand_id   A,B,C,D
#
# COMPACT_ATOMS: atom_id res chain seq x y z
N THR A 4 -29.99 16.53 -4.23
N THR A 4 -29.97 16.58 -4.02
CA THR A 4 -29.07 15.46 -3.73
CA THR A 4 -28.96 15.66 -3.40
C THR A 4 -27.83 15.35 -4.64
C THR A 4 -27.92 15.19 -4.44
N PRO A 5 -26.63 15.17 -4.03
CA PRO A 5 -25.47 14.92 -4.90
C PRO A 5 -25.61 13.68 -5.78
N THR A 6 -25.11 13.81 -7.01
CA THR A 6 -25.20 12.77 -8.03
C THR A 6 -23.81 12.31 -8.49
N LEU A 7 -23.77 11.11 -9.07
CA LEU A 7 -22.54 10.50 -9.57
C LEU A 7 -22.87 9.79 -10.88
N GLU A 8 -22.03 10.03 -11.88
N GLU A 8 -22.08 10.06 -11.91
CA GLU A 8 -22.19 9.48 -13.22
CA GLU A 8 -22.30 9.40 -13.20
C GLU A 8 -21.07 8.47 -13.50
C GLU A 8 -21.11 8.51 -13.55
N THR A 9 -21.42 7.32 -14.06
CA THR A 9 -20.41 6.34 -14.46
C THR A 9 -20.74 5.84 -15.85
N LYS A 10 -19.79 5.22 -16.52
CA LYS A 10 -20.14 4.55 -17.79
C LYS A 10 -19.34 3.27 -18.08
N TYR A 11 -20.02 2.22 -18.54
CA TYR A 11 -19.35 0.97 -18.89
C TYR A 11 -18.31 1.24 -19.94
N VAL A 12 -17.10 0.70 -19.74
N VAL A 12 -17.09 0.73 -19.73
CA VAL A 12 -16.06 0.88 -20.72
CA VAL A 12 -16.01 0.88 -20.71
C VAL A 12 -15.55 -0.46 -21.32
C VAL A 12 -15.48 -0.43 -21.31
N PHE A 13 -15.27 -1.44 -20.46
CA PHE A 13 -14.80 -2.74 -20.94
C PHE A 13 -14.91 -3.77 -19.83
N THR A 14 -14.90 -5.03 -20.26
CA THR A 14 -14.88 -6.18 -19.37
C THR A 14 -13.50 -6.87 -19.41
N ILE A 15 -12.93 -7.11 -18.22
CA ILE A 15 -11.77 -7.97 -18.05
C ILE A 15 -12.24 -9.37 -17.61
N THR A 16 -11.85 -10.41 -18.34
CA THR A 16 -12.06 -11.79 -17.91
C THR A 16 -10.70 -12.35 -17.54
N ALA A 17 -10.51 -12.60 -16.25
CA ALA A 17 -9.26 -13.16 -15.80
C ALA A 17 -9.50 -14.64 -15.55
N ARG A 18 -8.72 -15.49 -16.23
N ARG A 18 -8.71 -15.49 -16.20
CA ARG A 18 -8.75 -16.93 -15.95
CA ARG A 18 -8.78 -16.93 -15.95
C ARG A 18 -7.90 -17.21 -14.71
C ARG A 18 -7.87 -17.30 -14.76
N ILE A 19 -8.45 -17.99 -13.79
CA ILE A 19 -7.77 -18.24 -12.52
C ILE A 19 -7.40 -19.72 -12.28
N GLY A 20 -6.25 -19.94 -11.65
CA GLY A 20 -5.75 -21.29 -11.38
C GLY A 20 -6.21 -21.80 -10.03
N ASP A 21 -5.40 -22.68 -9.44
CA ASP A 21 -5.72 -23.33 -8.17
C ASP A 21 -5.49 -22.41 -7.00
N VAL A 22 -6.32 -22.53 -5.96
CA VAL A 22 -6.14 -21.78 -4.73
C VAL A 22 -4.99 -22.34 -3.85
N THR A 23 -4.12 -21.45 -3.39
CA THR A 23 -3.07 -21.81 -2.43
C THR A 23 -3.42 -21.02 -1.18
N SER A 24 -3.42 -21.67 -0.03
CA SER A 24 -3.71 -20.98 1.21
C SER A 24 -2.51 -21.00 2.16
N ALA A 25 -2.23 -19.86 2.77
CA ALA A 25 -1.13 -19.73 3.73
C ALA A 25 -1.58 -19.98 5.16
N GLY A 26 -2.89 -20.16 5.33
CA GLY A 26 -3.48 -20.46 6.63
C GLY A 26 -4.08 -19.23 7.26
N GLU A 27 -4.39 -19.34 8.55
N GLU A 27 -4.46 -19.33 8.53
CA GLU A 27 -5.00 -18.28 9.36
CA GLU A 27 -5.03 -18.19 9.23
C GLU A 27 -3.88 -17.48 10.00
C GLU A 27 -3.90 -17.48 9.95
N ILE A 28 -3.89 -16.16 9.80
CA ILE A 28 -2.70 -15.36 10.08
C ILE A 28 -3.00 -14.28 11.11
N GLY A 29 -3.73 -14.65 12.16
CA GLY A 29 -4.23 -13.69 13.12
C GLY A 29 -5.47 -12.96 12.63
N THR A 30 -5.37 -12.36 11.45
CA THR A 30 -6.45 -11.54 10.91
C THR A 30 -6.91 -12.07 9.56
N GLY A 31 -7.74 -13.11 9.59
CA GLY A 31 -8.30 -13.67 8.37
C GLY A 31 -7.34 -14.60 7.65
N VAL A 32 -7.89 -15.52 6.88
CA VAL A 32 -7.08 -16.49 6.14
C VAL A 32 -6.46 -15.85 4.90
N ARG A 33 -5.14 -15.96 4.79
CA ARG A 33 -4.43 -15.53 3.57
C ARG A 33 -4.49 -16.61 2.51
N ARG A 34 -5.07 -16.30 1.35
CA ARG A 34 -5.08 -17.24 0.24
C ARG A 34 -4.63 -16.56 -1.07
N ILE A 35 -4.10 -17.34 -2.02
CA ILE A 35 -3.57 -16.78 -3.27
C ILE A 35 -4.13 -17.53 -4.47
N ILE A 36 -4.56 -16.78 -5.50
CA ILE A 36 -5.19 -17.37 -6.67
C ILE A 36 -4.47 -16.91 -7.96
N PRO A 37 -3.67 -17.79 -8.58
CA PRO A 37 -2.88 -17.41 -9.74
C PRO A 37 -3.75 -16.96 -10.91
N ILE A 38 -3.27 -15.96 -11.65
CA ILE A 38 -3.92 -15.51 -12.86
C ILE A 38 -3.24 -16.17 -14.09
N LEU A 39 -4.01 -16.82 -14.94
CA LEU A 39 -3.42 -17.63 -16.01
C LEU A 39 -3.53 -17.01 -17.41
N GLY A 40 -4.31 -15.93 -17.50
CA GLY A 40 -4.67 -15.47 -18.84
C GLY A 40 -6.03 -14.81 -18.78
N GLY A 41 -6.64 -14.67 -19.96
CA GLY A 41 -7.94 -14.06 -20.07
C GLY A 41 -8.02 -13.08 -21.21
N GLU A 42 -9.09 -12.29 -21.23
N GLU A 42 -9.08 -12.27 -21.22
CA GLU A 42 -9.40 -11.36 -22.32
CA GLU A 42 -9.33 -11.34 -22.32
C GLU A 42 -9.84 -10.02 -21.77
C GLU A 42 -9.87 -10.02 -21.79
N VAL A 43 -9.72 -8.98 -22.60
CA VAL A 43 -10.25 -7.65 -22.30
C VAL A 43 -11.03 -7.22 -23.53
N LYS A 44 -12.32 -6.96 -23.37
CA LYS A 44 -13.17 -6.56 -24.47
C LYS A 44 -14.04 -5.34 -24.16
N GLY A 45 -14.12 -4.43 -25.12
CA GLY A 45 -14.97 -3.24 -25.02
C GLY A 45 -14.87 -2.46 -26.30
N GLU A 46 -15.56 -1.33 -26.35
CA GLU A 46 -15.58 -0.47 -27.55
C GLU A 46 -14.17 -0.07 -27.93
N GLY A 47 -13.76 -0.47 -29.13
CA GLY A 47 -12.41 -0.22 -29.60
C GLY A 47 -11.31 -0.87 -28.78
N ILE A 48 -11.67 -1.57 -27.70
CA ILE A 48 -10.68 -2.29 -26.89
C ILE A 48 -10.75 -3.81 -27.01
N SER A 49 -9.63 -4.40 -27.39
CA SER A 49 -9.50 -5.83 -27.57
C SER A 49 -8.11 -6.20 -27.10
N GLY A 50 -8.03 -7.03 -26.05
CA GLY A 50 -6.74 -7.44 -25.56
C GLY A 50 -6.75 -8.75 -24.79
N GLN A 51 -5.56 -9.20 -24.40
CA GLN A 51 -5.33 -10.47 -23.69
C GLN A 51 -4.79 -10.14 -22.32
N VAL A 52 -5.33 -10.78 -21.29
CA VAL A 52 -4.71 -10.72 -19.96
C VAL A 52 -3.46 -11.59 -20.00
N LEU A 53 -2.34 -11.01 -19.60
CA LEU A 53 -1.08 -11.74 -19.66
C LEU A 53 -1.03 -12.86 -18.60
N PRO A 54 -0.31 -13.95 -18.90
CA PRO A 54 -0.28 -15.16 -18.07
C PRO A 54 0.58 -15.12 -16.81
N PHE A 55 0.36 -14.13 -15.95
CA PHE A 55 1.10 -14.05 -14.70
C PHE A 55 0.34 -13.15 -13.74
N GLY A 56 0.79 -13.11 -12.49
CA GLY A 56 0.10 -12.31 -11.52
C GLY A 56 -0.76 -13.20 -10.67
N ALA A 57 -1.37 -12.61 -9.67
CA ALA A 57 -2.13 -13.39 -8.72
C ALA A 57 -3.17 -12.49 -8.09
N ASP A 58 -4.24 -13.07 -7.58
CA ASP A 58 -5.09 -12.36 -6.60
C ASP A 58 -4.70 -12.81 -5.19
N PHE A 59 -4.34 -11.83 -4.36
CA PHE A 59 -3.94 -12.08 -2.99
C PHE A 59 -5.05 -11.66 -2.07
N GLN A 60 -5.66 -12.66 -1.43
CA GLN A 60 -6.89 -12.44 -0.71
C GLN A 60 -6.72 -12.61 0.79
N ILE A 61 -7.59 -11.93 1.51
CA ILE A 61 -7.81 -12.17 2.91
C ILE A 61 -9.30 -12.55 3.11
N ILE A 62 -9.55 -13.68 3.73
CA ILE A 62 -10.90 -14.01 4.17
C ILE A 62 -11.05 -13.63 5.64
N ARG A 63 -12.00 -12.73 5.92
CA ARG A 63 -12.32 -12.29 7.29
C ARG A 63 -13.17 -13.33 7.99
N PRO A 64 -13.16 -13.31 9.32
CA PRO A 64 -13.90 -14.30 10.11
C PRO A 64 -15.32 -14.51 9.58
N ASN A 65 -15.85 -13.50 8.89
CA ASN A 65 -17.27 -13.46 8.57
C ASN A 65 -17.53 -13.79 7.10
N GLU A 66 -16.54 -14.41 6.45
CA GLU A 66 -16.74 -14.97 5.12
C GLU A 66 -16.64 -13.89 4.05
N LEU A 67 -16.37 -12.66 4.48
CA LEU A 67 -16.09 -11.55 3.56
C LEU A 67 -14.67 -11.63 3.02
N ILE A 68 -14.52 -11.30 1.74
CA ILE A 68 -13.25 -11.52 1.05
C ILE A 68 -12.66 -10.20 0.56
N GLU A 69 -11.47 -9.85 1.06
CA GLU A 69 -10.73 -8.70 0.55
C GLU A 69 -9.83 -9.17 -0.57
N LEU A 70 -9.96 -8.53 -1.72
CA LEU A 70 -9.26 -8.94 -2.93
C LEU A 70 -8.24 -7.90 -3.27
N GLU A 71 -7.11 -8.36 -3.81
CA GLU A 71 -6.03 -7.49 -4.23
C GLU A 71 -5.27 -8.18 -5.36
N ALA A 72 -5.71 -7.95 -6.59
CA ALA A 72 -5.14 -8.66 -7.70
C ALA A 72 -4.21 -7.72 -8.44
N LYS A 73 -3.03 -8.22 -8.79
N LYS A 73 -3.01 -8.20 -8.75
CA LYS A 73 -2.08 -7.45 -9.58
CA LYS A 73 -2.10 -7.44 -9.57
C LYS A 73 -1.70 -8.26 -10.80
C LYS A 73 -1.80 -8.29 -10.78
N TYR A 74 -2.03 -7.73 -11.97
CA TYR A 74 -1.77 -8.42 -13.23
C TYR A 74 -1.65 -7.42 -14.40
N ALA A 75 -1.71 -7.90 -15.64
CA ALA A 75 -1.59 -7.00 -16.76
C ALA A 75 -2.31 -7.48 -18.00
N PHE A 76 -2.63 -6.54 -18.87
CA PHE A 76 -3.16 -6.90 -20.15
C PHE A 76 -2.43 -6.18 -21.26
N GLU A 77 -2.49 -6.80 -22.44
CA GLU A 77 -1.99 -6.21 -23.67
C GLU A 77 -3.08 -6.12 -24.74
N THR A 78 -3.31 -4.92 -25.26
CA THR A 78 -4.31 -4.71 -26.31
C THR A 78 -3.73 -5.11 -27.70
N ASP A 79 -4.60 -5.33 -28.67
N ASP A 79 -4.61 -5.35 -28.66
CA ASP A 79 -4.19 -5.68 -30.05
CA ASP A 79 -4.18 -5.70 -30.03
C ASP A 79 -3.29 -4.63 -30.71
C ASP A 79 -3.28 -4.64 -30.69
N ASP A 80 -3.57 -3.35 -30.48
CA ASP A 80 -2.69 -2.29 -30.96
C ASP A 80 -1.38 -2.14 -30.15
N GLY A 81 -1.17 -3.00 -29.17
CA GLY A 81 0.11 -3.02 -28.50
C GLY A 81 0.26 -2.26 -27.19
N ALA A 82 -0.84 -1.74 -26.65
CA ALA A 82 -0.80 -1.11 -25.34
C ALA A 82 -0.64 -2.16 -24.24
N VAL A 83 0.30 -1.94 -23.31
CA VAL A 83 0.43 -2.83 -22.16
C VAL A 83 -0.05 -2.05 -20.93
N VAL A 84 -1.04 -2.58 -20.22
CA VAL A 84 -1.63 -1.93 -19.04
C VAL A 84 -1.51 -2.83 -17.81
N TYR A 85 -0.79 -2.33 -16.81
CA TYR A 85 -0.70 -2.89 -15.48
C TYR A 85 -1.99 -2.59 -14.69
N VAL A 86 -2.55 -3.64 -14.06
CA VAL A 86 -3.82 -3.59 -13.33
C VAL A 86 -3.63 -3.94 -11.89
N GLU A 87 -4.02 -3.02 -11.01
CA GLU A 87 -4.15 -3.27 -9.58
C GLU A 87 -5.64 -3.23 -9.24
N ASN A 88 -6.26 -4.39 -8.91
CA ASN A 88 -7.71 -4.48 -8.70
C ASN A 88 -8.01 -4.88 -7.25
N VAL A 89 -8.54 -3.93 -6.49
CA VAL A 89 -8.72 -4.07 -5.06
C VAL A 89 -10.22 -3.98 -4.73
N GLY A 90 -10.71 -4.97 -4.01
CA GLY A 90 -12.14 -5.04 -3.77
C GLY A 90 -12.59 -5.90 -2.62
N ILE A 91 -13.90 -6.06 -2.55
CA ILE A 91 -14.51 -6.93 -1.58
C ILE A 91 -15.55 -7.77 -2.28
N ARG A 92 -15.66 -9.03 -1.84
CA ARG A 92 -16.74 -9.89 -2.23
C ARG A 92 -17.45 -10.35 -0.95
N PHE A 93 -18.77 -10.37 -0.99
CA PHE A 93 -19.61 -10.65 0.17
C PHE A 93 -21.00 -11.14 -0.26
N GLY A 94 -21.81 -11.60 0.70
CA GLY A 94 -23.14 -12.17 0.41
C GLY A 94 -23.62 -13.14 1.47
N PRO A 95 -24.75 -13.84 1.22
CA PRO A 95 -25.22 -14.93 2.11
C PRO A 95 -24.14 -15.98 2.34
N VAL A 96 -23.88 -16.31 3.61
CA VAL A 96 -22.80 -17.24 3.99
C VAL A 96 -22.78 -18.54 3.16
N GLU A 97 -23.96 -19.17 3.00
CA GLU A 97 -24.14 -20.41 2.23
C GLU A 97 -23.63 -20.32 0.78
N LEU A 98 -23.94 -19.21 0.12
CA LEU A 98 -23.53 -18.98 -1.27
C LEU A 98 -22.04 -18.71 -1.42
N LEU A 99 -21.45 -18.06 -0.42
CA LEU A 99 -20.01 -17.84 -0.40
C LEU A 99 -19.28 -19.17 -0.24
N ARG A 100 -19.77 -20.00 0.70
CA ARG A 100 -19.37 -21.40 0.85
C ARG A 100 -19.56 -22.23 -0.43
N LYS A 101 -20.61 -21.92 -1.19
CA LYS A 101 -20.83 -22.48 -2.54
C LYS A 101 -20.06 -21.67 -3.61
N GLY A 105 -16.54 -24.85 -5.02
CA GLY A 105 -16.62 -24.12 -6.28
C GLY A 105 -17.83 -24.55 -7.11
N GLU A 106 -19.01 -24.43 -6.51
CA GLU A 106 -20.26 -24.76 -7.19
C GLU A 106 -20.86 -23.49 -7.83
N PRO A 107 -21.70 -23.64 -8.88
CA PRO A 107 -22.20 -22.44 -9.60
C PRO A 107 -23.27 -21.63 -8.85
N VAL A 108 -22.97 -20.34 -8.66
CA VAL A 108 -23.88 -19.39 -8.01
C VAL A 108 -24.21 -18.21 -8.93
N ASP A 109 -25.45 -17.73 -8.84
CA ASP A 109 -25.92 -16.54 -9.56
C ASP A 109 -25.29 -15.26 -8.99
N PRO A 110 -24.47 -14.56 -9.81
CA PRO A 110 -23.69 -13.34 -9.50
C PRO A 110 -24.48 -12.12 -9.03
N LYS A 111 -25.78 -12.11 -9.31
CA LYS A 111 -26.64 -10.96 -8.99
C LYS A 111 -27.18 -11.00 -7.56
N VAL A 112 -26.57 -11.85 -6.73
CA VAL A 112 -26.92 -12.01 -5.31
C VAL A 112 -25.66 -11.74 -4.47
N ILE A 113 -24.50 -11.81 -5.12
CA ILE A 113 -23.26 -11.64 -4.41
C ILE A 113 -22.88 -10.19 -4.56
N TYR A 114 -22.47 -9.57 -3.46
CA TYR A 114 -21.86 -8.27 -3.60
C TYR A 114 -20.36 -8.41 -3.94
N PHE A 115 -19.97 -7.99 -5.14
CA PHE A 115 -18.63 -8.21 -5.65
C PHE A 115 -18.24 -6.99 -6.50
N ARG A 116 -17.58 -6.04 -5.86
CA ARG A 116 -17.26 -4.77 -6.48
C ARG A 116 -15.82 -4.45 -6.12
N THR A 117 -15.12 -3.80 -7.05
CA THR A 117 -13.69 -3.59 -6.97
C THR A 117 -13.34 -2.19 -7.49
N ARG A 118 -12.12 -1.76 -7.22
CA ARG A 118 -11.64 -0.54 -7.78
C ARG A 118 -10.40 -0.88 -8.61
N PRO A 119 -10.54 -0.99 -9.94
CA PRO A 119 -9.31 -1.26 -10.71
C PRO A 119 -8.54 0.03 -10.98
N ARG A 120 -7.25 -0.01 -10.77
N ARG A 120 -7.24 -0.04 -10.76
CA ARG A 120 -6.39 1.14 -10.99
CA ARG A 120 -6.32 1.06 -10.93
C ARG A 120 -5.36 0.71 -12.00
C ARG A 120 -5.47 0.62 -12.11
N PHE A 121 -5.16 1.54 -13.02
CA PHE A 121 -4.38 1.21 -14.24
C PHE A 121 -3.13 2.04 -14.43
N GLU A 122 -2.07 1.43 -14.94
CA GLU A 122 -0.85 2.17 -15.32
C GLU A 122 -0.43 1.76 -16.71
N THR A 123 -0.18 2.74 -17.58
CA THR A 123 0.36 2.54 -18.97
C THR A 123 1.15 3.74 -19.43
N GLY A 124 2.05 3.51 -20.38
CA GLY A 124 2.63 4.62 -21.15
C GLY A 124 1.98 4.85 -22.52
N HIS A 125 1.03 4.02 -22.92
CA HIS A 125 0.50 4.12 -24.27
C HIS A 125 -0.33 5.38 -24.42
N PRO A 126 -0.05 6.21 -25.45
CA PRO A 126 -0.75 7.51 -25.57
C PRO A 126 -2.29 7.39 -25.59
N ASN A 127 -2.80 6.28 -26.10
CA ASN A 127 -4.26 6.12 -26.26
C ASN A 127 -5.01 5.60 -25.02
N TYR A 128 -4.26 5.34 -23.93
CA TYR A 128 -4.81 4.81 -22.68
C TYR A 128 -4.40 5.66 -21.48
N GLN A 129 -3.89 6.85 -21.76
CA GLN A 129 -3.58 7.81 -20.71
C GLN A 129 -4.78 8.12 -19.81
N TRP A 130 -5.97 8.11 -20.40
CA TRP A 130 -7.21 8.36 -19.68
C TRP A 130 -7.46 7.30 -18.59
N LEU A 131 -6.88 6.12 -18.77
CA LEU A 131 -6.97 5.05 -17.76
C LEU A 131 -6.31 5.46 -16.42
N GLN A 133 -6.28 8.79 -15.46
CA GLN A 133 -6.75 10.15 -15.15
C GLN A 133 -8.19 10.16 -14.64
N TYR A 134 -8.77 8.96 -14.51
CA TYR A 134 -10.11 8.79 -13.99
C TYR A 134 -10.05 7.69 -12.95
N LEU A 135 -11.04 7.70 -12.07
CA LEU A 135 -11.35 6.55 -11.22
C LEU A 135 -12.25 5.57 -11.96
N PHE A 136 -12.09 4.28 -11.64
CA PHE A 136 -12.89 3.19 -12.19
C PHE A 136 -13.43 2.33 -11.05
N VAL A 137 -14.59 1.76 -11.28
CA VAL A 137 -15.21 0.80 -10.36
C VAL A 137 -15.48 -0.46 -11.18
N GLY A 138 -15.17 -1.63 -10.61
CA GLY A 138 -15.52 -2.90 -11.25
C GLY A 138 -16.71 -3.58 -10.56
N SER A 139 -17.55 -4.23 -11.36
CA SER A 139 -18.61 -5.09 -10.84
C SER A 139 -18.30 -6.46 -11.40
N ALA A 140 -18.04 -7.41 -10.51
CA ALA A 140 -17.50 -8.69 -10.94
C ALA A 140 -18.38 -9.87 -10.57
N ALA A 141 -18.13 -10.98 -11.26
CA ALA A 141 -18.84 -12.22 -11.05
C ALA A 141 -17.81 -13.34 -11.00
N ARG A 142 -17.96 -14.26 -10.05
CA ARG A 142 -17.02 -15.36 -9.91
C ARG A 142 -17.58 -16.68 -10.41
N HIS A 143 -16.84 -17.31 -11.30
CA HIS A 143 -17.12 -18.68 -11.70
C HIS A 143 -15.89 -19.51 -11.32
N ALA A 144 -15.97 -20.83 -11.49
CA ALA A 144 -14.91 -21.74 -11.04
C ALA A 144 -13.56 -21.62 -11.77
N ASP A 145 -13.57 -21.12 -13.01
CA ASP A 145 -12.35 -21.01 -13.81
C ASP A 145 -11.98 -19.58 -14.16
N ARG A 146 -12.84 -18.64 -13.78
CA ARG A 146 -12.65 -17.27 -14.22
C ARG A 146 -13.38 -16.26 -13.35
N VAL A 147 -12.88 -15.04 -13.39
CA VAL A 147 -13.56 -13.89 -12.81
C VAL A 147 -13.88 -12.94 -13.96
N VAL A 148 -15.15 -12.58 -14.08
CA VAL A 148 -15.59 -11.62 -15.11
C VAL A 148 -15.82 -10.25 -14.49
N ILE A 149 -14.98 -9.28 -14.88
CA ILE A 149 -15.02 -7.93 -14.31
C ILE A 149 -15.45 -6.84 -15.29
N ASP A 150 -16.62 -6.26 -15.04
CA ASP A 150 -17.14 -5.13 -15.83
C ASP A 150 -16.65 -3.85 -15.24
N VAL A 151 -15.97 -3.04 -16.06
CA VAL A 151 -15.27 -1.87 -15.60
C VAL A 151 -16.06 -0.64 -16.02
N HIS A 152 -16.32 0.23 -15.06
CA HIS A 152 -17.06 1.45 -15.28
C HIS A 152 -16.19 2.60 -14.90
N GLN A 153 -16.11 3.57 -15.80
CA GLN A 153 -15.40 4.82 -15.59
C GLN A 153 -16.23 5.76 -14.73
N VAL A 154 -15.66 6.28 -13.65
CA VAL A 154 -16.36 7.30 -12.87
C VAL A 154 -16.17 8.64 -13.55
N LEU A 155 -17.29 9.30 -13.82
CA LEU A 155 -17.22 10.61 -14.43
C LEU A 155 -17.48 11.66 -13.36
N HIS B 2 26.88 9.16 26.15
CA HIS B 2 26.54 9.10 24.70
C HIS B 2 27.15 7.91 23.96
N THR B 4 26.77 5.44 20.56
CA THR B 4 26.19 5.23 19.24
C THR B 4 25.32 3.96 19.25
N PRO B 5 24.01 4.12 19.00
CA PRO B 5 23.10 2.96 18.91
C PRO B 5 23.66 1.91 17.97
N THR B 6 23.36 0.65 18.28
CA THR B 6 23.81 -0.48 17.45
C THR B 6 22.61 -1.28 16.94
N LEU B 7 22.83 -2.03 15.87
CA LEU B 7 21.81 -2.91 15.29
C LEU B 7 22.45 -4.26 15.06
N GLU B 8 21.79 -5.31 15.53
CA GLU B 8 22.27 -6.67 15.32
C GLU B 8 21.33 -7.38 14.37
N THR B 9 21.92 -8.09 13.41
CA THR B 9 21.18 -8.95 12.49
C THR B 9 21.82 -10.32 12.52
N LYS B 10 21.12 -11.30 11.95
CA LYS B 10 21.60 -12.66 11.86
C LYS B 10 21.06 -13.26 10.55
N TYR B 11 21.94 -13.81 9.73
CA TYR B 11 21.54 -14.47 8.50
C TYR B 11 20.70 -15.67 8.84
N VAL B 12 19.53 -15.80 8.20
CA VAL B 12 18.67 -16.94 8.47
C VAL B 12 18.47 -17.87 7.27
N PHE B 13 18.22 -17.33 6.08
CA PHE B 13 18.04 -18.24 4.93
C PHE B 13 18.15 -17.50 3.64
N THR B 14 18.27 -18.27 2.55
CA THR B 14 18.34 -17.73 1.20
C THR B 14 17.14 -18.14 0.35
N ILE B 15 16.51 -17.15 -0.31
CA ILE B 15 15.46 -17.36 -1.32
C ILE B 15 16.07 -17.16 -2.70
N THR B 16 15.96 -18.19 -3.54
CA THR B 16 16.39 -18.11 -4.91
C THR B 16 15.13 -18.10 -5.78
N ALA B 17 14.82 -16.96 -6.41
CA ALA B 17 13.65 -16.90 -7.28
C ALA B 17 14.01 -16.94 -8.77
N ARG B 18 13.52 -17.97 -9.48
CA ARG B 18 13.65 -18.02 -10.95
C ARG B 18 12.69 -16.99 -11.55
N ILE B 19 13.20 -16.14 -12.42
CA ILE B 19 12.39 -15.07 -12.95
C ILE B 19 12.17 -15.27 -14.46
N GLY B 20 11.04 -14.78 -14.96
CA GLY B 20 10.74 -14.84 -16.37
C GLY B 20 11.10 -13.58 -17.15
N ASP B 21 10.46 -13.40 -18.30
CA ASP B 21 10.70 -12.27 -19.20
C ASP B 21 10.06 -10.97 -18.73
N VAL B 22 10.73 -9.85 -18.98
CA VAL B 22 10.15 -8.55 -18.69
C VAL B 22 8.95 -8.20 -19.57
N THR B 23 7.85 -7.81 -18.92
CA THR B 23 6.75 -7.10 -19.56
C THR B 23 6.82 -5.65 -19.14
N SER B 24 6.78 -4.74 -20.09
CA SER B 24 6.89 -3.35 -19.77
C SER B 24 5.59 -2.62 -20.15
N ALA B 25 5.01 -1.92 -19.17
CA ALA B 25 3.79 -1.11 -19.36
C ALA B 25 4.13 0.27 -19.93
N GLY B 26 5.36 0.71 -19.66
CA GLY B 26 5.87 1.97 -20.16
C GLY B 26 5.99 3.06 -19.11
N GLU B 27 6.25 4.27 -19.61
N GLU B 27 6.22 4.28 -19.60
CA GLU B 27 6.38 5.48 -18.80
CA GLU B 27 6.45 5.48 -18.79
C GLU B 27 5.07 5.87 -18.15
C GLU B 27 5.15 5.99 -18.14
N ILE B 28 5.13 6.08 -16.82
CA ILE B 28 3.93 6.36 -16.06
C ILE B 28 3.96 7.77 -15.47
N GLY B 29 4.93 8.56 -15.92
CA GLY B 29 5.10 9.92 -15.42
C GLY B 29 6.03 9.98 -14.22
N THR B 30 6.29 8.83 -13.61
CA THR B 30 7.11 8.77 -12.41
C THR B 30 8.33 7.87 -12.62
N GLY B 31 8.53 7.41 -13.84
CA GLY B 31 9.36 6.25 -14.10
C GLY B 31 8.69 5.24 -15.01
N VAL B 32 9.37 4.14 -15.27
CA VAL B 32 8.83 3.08 -16.15
C VAL B 32 8.35 1.84 -15.36
N ARG B 33 7.09 1.46 -15.55
CA ARG B 33 6.51 0.28 -14.95
C ARG B 33 6.86 -0.99 -15.74
N ARG B 34 7.40 -1.98 -15.06
CA ARG B 34 7.83 -3.21 -15.69
C ARG B 34 7.47 -4.37 -14.77
N ILE B 35 7.17 -5.53 -15.34
CA ILE B 35 6.73 -6.68 -14.53
C ILE B 35 7.50 -7.93 -14.91
N ILE B 36 8.01 -8.62 -13.89
CA ILE B 36 8.88 -9.78 -14.07
C ILE B 36 8.28 -10.98 -13.36
N PRO B 37 7.77 -11.95 -14.13
CA PRO B 37 7.10 -13.11 -13.55
C PRO B 37 8.05 -13.98 -12.73
N ILE B 38 7.53 -14.53 -11.63
CA ILE B 38 8.26 -15.45 -10.79
C ILE B 38 7.83 -16.88 -11.17
N LEU B 39 8.79 -17.70 -11.59
CA LEU B 39 8.52 -19.01 -12.19
C LEU B 39 8.69 -20.19 -11.25
N GLY B 40 9.35 -19.97 -10.13
CA GLY B 40 9.76 -21.03 -9.19
C GLY B 40 10.98 -20.57 -8.40
N GLY B 41 11.65 -21.53 -7.77
CA GLY B 41 12.80 -21.27 -6.93
C GLY B 41 12.84 -22.15 -5.70
N GLU B 42 13.72 -21.79 -4.76
CA GLU B 42 14.00 -22.62 -3.60
C GLU B 42 14.24 -21.71 -2.43
N VAL B 43 13.92 -22.20 -1.24
CA VAL B 43 14.25 -21.52 -0.01
C VAL B 43 15.10 -22.43 0.85
N LYS B 44 16.21 -21.91 1.36
CA LYS B 44 17.10 -22.74 2.15
C LYS B 44 17.91 -22.00 3.21
N GLY B 45 17.93 -22.62 4.38
CA GLY B 45 18.67 -22.15 5.54
C GLY B 45 18.62 -23.29 6.52
N GLU B 46 19.01 -23.02 7.78
CA GLU B 46 18.90 -24.02 8.86
C GLU B 46 17.44 -24.12 9.29
N GLY B 47 16.89 -25.32 9.26
CA GLY B 47 15.50 -25.51 9.68
C GLY B 47 14.48 -24.79 8.83
N ILE B 48 14.84 -24.57 7.57
CA ILE B 48 13.86 -24.14 6.57
C ILE B 48 14.30 -24.60 5.18
N SER B 49 13.42 -25.34 4.52
CA SER B 49 13.67 -25.83 3.18
C SER B 49 12.38 -25.81 2.39
N GLY B 50 12.35 -24.99 1.35
CA GLY B 50 11.11 -24.78 0.64
C GLY B 50 11.26 -24.65 -0.85
N GLN B 51 10.14 -24.62 -1.53
N GLN B 51 10.13 -24.62 -1.53
CA GLN B 51 10.10 -24.48 -2.96
CA GLN B 51 10.09 -24.47 -2.97
C GLN B 51 9.26 -23.24 -3.22
C GLN B 51 9.23 -23.24 -3.27
N VAL B 52 9.76 -22.31 -4.04
CA VAL B 52 9.00 -21.11 -4.41
C VAL B 52 7.95 -21.60 -5.38
N LEU B 53 6.70 -21.17 -5.17
CA LEU B 53 5.59 -21.64 -5.98
C LEU B 53 5.57 -20.96 -7.35
N PRO B 54 5.08 -21.67 -8.40
CA PRO B 54 5.14 -21.22 -9.78
C PRO B 54 4.21 -20.06 -10.14
N PHE B 55 4.20 -18.99 -9.35
CA PHE B 55 3.33 -17.85 -9.66
C PHE B 55 3.80 -16.60 -8.91
N GLY B 56 3.22 -15.46 -9.25
CA GLY B 56 3.68 -14.20 -8.69
C GLY B 56 4.53 -13.42 -9.67
N ALA B 57 5.00 -12.28 -9.23
CA ALA B 57 5.74 -11.39 -10.10
C ALA B 57 6.40 -10.31 -9.27
N ASP B 58 7.44 -9.69 -9.83
CA ASP B 58 7.96 -8.46 -9.27
C ASP B 58 7.40 -7.32 -10.10
N PHE B 59 6.73 -6.41 -9.43
CA PHE B 59 6.19 -5.20 -10.06
C PHE B 59 7.14 -4.06 -9.79
N GLN B 60 7.73 -3.53 -10.84
CA GLN B 60 8.85 -2.65 -10.66
C GLN B 60 8.57 -1.30 -11.29
N ILE B 61 9.23 -0.28 -10.76
CA ILE B 61 9.33 1.03 -11.37
C ILE B 61 10.80 1.39 -11.54
N ILE B 62 11.20 1.69 -12.77
CA ILE B 62 12.51 2.21 -13.03
C ILE B 62 12.38 3.74 -13.06
N ARG B 63 13.06 4.41 -12.13
CA ARG B 63 13.05 5.84 -12.02
C ARG B 63 13.96 6.41 -13.09
N PRO B 64 13.85 7.72 -13.39
CA PRO B 64 14.64 8.25 -14.50
C PRO B 64 16.15 8.16 -14.27
N ASN B 65 16.60 8.06 -13.00
CA ASN B 65 18.02 7.81 -12.72
C ASN B 65 18.39 6.31 -12.72
N GLU B 66 17.44 5.45 -13.08
CA GLU B 66 17.68 4.01 -13.27
C GLU B 66 17.66 3.18 -12.00
N LEU B 67 17.46 3.84 -10.86
N LEU B 67 17.45 3.84 -10.85
CA LEU B 67 17.06 3.19 -9.62
CA LEU B 67 17.14 3.14 -9.61
C LEU B 67 15.85 2.31 -9.93
C LEU B 67 15.84 2.36 -9.83
N ILE B 68 15.84 1.10 -9.40
CA ILE B 68 14.68 0.23 -9.54
C ILE B 68 14.03 -0.01 -8.19
N GLU B 69 12.73 0.32 -8.11
CA GLU B 69 11.88 0.06 -6.97
C GLU B 69 11.28 -1.32 -7.17
N LEU B 70 11.53 -2.24 -6.23
CA LEU B 70 11.04 -3.59 -6.37
C LEU B 70 9.85 -3.80 -5.47
N GLU B 71 8.95 -4.66 -5.90
CA GLU B 71 7.75 -4.98 -5.14
C GLU B 71 7.29 -6.32 -5.62
N ALA B 72 7.85 -7.38 -5.05
CA ALA B 72 7.56 -8.74 -5.49
C ALA B 72 6.59 -9.43 -4.52
N LYS B 73 5.61 -10.14 -5.08
CA LYS B 73 4.65 -10.89 -4.31
C LYS B 73 4.60 -12.29 -4.86
N TYR B 74 4.89 -13.25 -3.99
CA TYR B 74 4.90 -14.65 -4.32
C TYR B 74 4.77 -15.48 -3.04
N ALA B 75 4.98 -16.79 -3.14
CA ALA B 75 4.81 -17.65 -1.99
C ALA B 75 5.81 -18.78 -2.07
N PHE B 76 6.14 -19.36 -0.92
CA PHE B 76 6.82 -20.64 -0.93
C PHE B 76 6.15 -21.64 0.00
N GLU B 77 6.36 -22.91 -0.32
CA GLU B 77 5.92 -23.99 0.51
C GLU B 77 7.10 -24.81 1.05
N THR B 78 7.13 -25.01 2.37
CA THR B 78 8.19 -25.80 2.99
C THR B 78 7.97 -27.31 2.91
N ASP B 79 9.05 -28.06 3.16
CA ASP B 79 9.02 -29.51 3.05
C ASP B 79 8.09 -30.15 4.10
N ASP B 80 7.77 -29.39 5.15
CA ASP B 80 6.98 -29.89 6.27
C ASP B 80 5.59 -29.25 6.27
N GLY B 81 5.29 -28.49 5.22
CA GLY B 81 3.88 -28.22 4.90
C GLY B 81 3.36 -26.82 5.12
N ALA B 82 4.25 -25.89 5.41
CA ALA B 82 3.88 -24.48 5.52
C ALA B 82 3.79 -23.83 4.15
N VAL B 83 2.79 -22.97 3.98
CA VAL B 83 2.72 -22.07 2.84
C VAL B 83 3.01 -20.70 3.38
N VAL B 84 4.02 -20.05 2.81
CA VAL B 84 4.46 -18.72 3.25
C VAL B 84 4.32 -17.75 2.10
N TYR B 85 3.49 -16.73 2.32
CA TYR B 85 3.33 -15.62 1.39
C TYR B 85 4.44 -14.58 1.61
N VAL B 86 5.11 -14.19 0.52
CA VAL B 86 6.22 -13.24 0.56
C VAL B 86 5.86 -11.95 -0.15
N GLU B 87 6.07 -10.85 0.54
CA GLU B 87 6.00 -9.54 -0.04
C GLU B 87 7.42 -8.98 0.09
N ASN B 88 8.15 -8.82 -1.03
CA ASN B 88 9.55 -8.39 -1.00
C ASN B 88 9.75 -7.00 -1.65
N VAL B 89 9.99 -5.99 -0.82
CA VAL B 89 10.02 -4.62 -1.29
C VAL B 89 11.40 -3.98 -1.04
N GLY B 90 11.94 -3.32 -2.06
CA GLY B 90 13.22 -2.71 -1.90
C GLY B 90 13.70 -1.89 -3.07
N ILE B 91 15.02 -1.84 -3.20
CA ILE B 91 15.64 -1.06 -4.25
C ILE B 91 16.86 -1.75 -4.84
N ARG B 92 17.08 -1.50 -6.12
CA ARG B 92 18.35 -1.84 -6.73
C ARG B 92 18.89 -0.61 -7.43
N PHE B 93 20.15 -0.31 -7.14
CA PHE B 93 20.84 0.87 -7.67
C PHE B 93 22.31 0.50 -7.88
N GLY B 94 23.08 1.44 -8.39
CA GLY B 94 24.50 1.22 -8.69
C GLY B 94 24.95 2.17 -9.81
N PRO B 95 26.22 2.08 -10.23
CA PRO B 95 26.68 2.81 -11.45
C PRO B 95 25.79 2.54 -12.67
N VAL B 96 25.41 3.57 -13.43
CA VAL B 96 24.49 3.39 -14.56
C VAL B 96 24.94 2.38 -15.62
N GLU B 97 26.22 2.34 -15.96
CA GLU B 97 26.78 1.34 -16.87
C GLU B 97 26.45 -0.10 -16.45
N LEU B 98 26.61 -0.37 -15.16
CA LEU B 98 26.37 -1.72 -14.62
C LEU B 98 24.89 -2.07 -14.55
N LEU B 99 24.07 -1.10 -14.17
CA LEU B 99 22.62 -1.30 -14.23
C LEU B 99 22.21 -1.68 -15.66
N ARG B 100 22.76 -0.96 -16.64
CA ARG B 100 22.53 -1.27 -18.05
C ARG B 100 23.04 -2.65 -18.48
N LYS B 101 24.24 -3.04 -18.03
CA LYS B 101 24.72 -4.42 -18.17
C LYS B 101 23.68 -5.42 -17.70
N LEU B 102 23.10 -5.18 -16.50
CA LEU B 102 22.11 -6.09 -15.93
C LEU B 102 20.86 -6.19 -16.80
N LYS B 103 20.39 -5.04 -17.30
CA LYS B 103 19.26 -4.98 -18.22
C LYS B 103 19.49 -5.88 -19.44
N ARG B 104 20.72 -5.91 -19.95
CA ARG B 104 21.04 -6.72 -21.12
C ARG B 104 21.34 -8.19 -20.77
N GLY B 105 21.15 -8.55 -19.52
CA GLY B 105 21.38 -9.92 -19.05
C GLY B 105 22.86 -10.28 -18.91
N GLU B 106 23.73 -9.27 -18.94
CA GLU B 106 25.17 -9.47 -18.82
C GLU B 106 25.56 -9.63 -17.35
N PRO B 107 26.42 -10.63 -17.04
CA PRO B 107 26.78 -10.89 -15.64
C PRO B 107 27.53 -9.71 -14.99
N VAL B 108 27.10 -9.33 -13.80
CA VAL B 108 27.76 -8.31 -12.99
C VAL B 108 28.00 -8.93 -11.62
N ASP B 109 29.15 -8.63 -11.03
CA ASP B 109 29.40 -9.05 -9.65
C ASP B 109 28.40 -8.35 -8.71
N PRO B 110 27.70 -9.13 -7.87
CA PRO B 110 26.68 -8.52 -7.00
C PRO B 110 27.22 -7.50 -5.99
N LYS B 111 28.49 -7.63 -5.60
CA LYS B 111 29.16 -6.68 -4.69
C LYS B 111 29.18 -5.21 -5.16
N VAL B 112 29.05 -4.96 -6.46
CA VAL B 112 29.12 -3.57 -6.97
C VAL B 112 27.73 -2.99 -7.20
N ILE B 113 26.72 -3.83 -6.97
CA ILE B 113 25.34 -3.42 -7.08
C ILE B 113 24.72 -3.37 -5.70
N TYR B 114 24.11 -2.23 -5.38
CA TYR B 114 23.34 -2.09 -4.16
C TYR B 114 21.99 -2.71 -4.40
N PHE B 115 21.69 -3.79 -3.69
CA PHE B 115 20.45 -4.51 -3.92
C PHE B 115 19.89 -5.05 -2.62
N ARG B 116 19.03 -4.26 -1.99
CA ARG B 116 18.55 -4.51 -0.64
C ARG B 116 17.04 -4.35 -0.58
N THR B 117 16.42 -5.21 0.23
CA THR B 117 14.98 -5.27 0.30
C THR B 117 14.53 -5.53 1.72
N ARG B 118 13.22 -5.38 1.96
CA ARG B 118 12.63 -5.80 3.22
C ARG B 118 11.60 -6.87 2.90
N PRO B 119 11.94 -8.15 3.14
CA PRO B 119 10.94 -9.21 3.00
C PRO B 119 10.00 -9.36 4.19
N ARG B 120 8.70 -9.41 3.90
N ARG B 120 8.69 -9.36 3.89
CA ARG B 120 7.66 -9.59 4.91
CA ARG B 120 7.65 -9.59 4.86
C ARG B 120 6.89 -10.89 4.63
C ARG B 120 7.09 -10.99 4.59
N PHE B 121 6.76 -11.73 5.65
CA PHE B 121 6.16 -13.05 5.53
C PHE B 121 4.83 -13.15 6.24
N GLU B 122 3.95 -13.93 5.68
CA GLU B 122 2.71 -14.30 6.33
C GLU B 122 2.54 -15.79 6.23
N THR B 123 2.34 -16.43 7.36
CA THR B 123 2.06 -17.86 7.43
C THR B 123 1.26 -18.29 8.64
N GLY B 124 0.46 -19.32 8.46
CA GLY B 124 -0.33 -19.86 9.55
C GLY B 124 0.36 -20.98 10.29
N HIS B 125 1.29 -21.62 9.61
CA HIS B 125 2.00 -22.80 10.15
C HIS B 125 2.67 -22.49 11.48
N PRO B 126 2.41 -23.32 12.52
CA PRO B 126 2.96 -23.10 13.86
C PRO B 126 4.46 -22.96 13.96
N ASN B 127 5.21 -23.61 13.07
CA ASN B 127 6.68 -23.73 13.19
C ASN B 127 7.34 -22.51 12.59
N TYR B 128 6.58 -21.76 11.79
CA TYR B 128 7.11 -20.62 11.04
C TYR B 128 6.46 -19.32 11.45
N GLN B 129 5.77 -19.37 12.58
CA GLN B 129 5.13 -18.24 13.21
C GLN B 129 6.13 -17.10 13.43
N TRP B 130 7.36 -17.45 13.79
CA TRP B 130 8.41 -16.45 14.01
C TRP B 130 8.65 -15.54 12.79
N LEU B 131 8.28 -16.00 11.60
CA LEU B 131 8.49 -15.21 10.38
C LEU B 131 7.69 -13.90 10.36
N GLN B 133 7.03 -12.30 13.35
CA GLN B 133 7.33 -11.66 14.62
C GLN B 133 8.62 -10.83 14.63
N TYR B 134 9.32 -10.78 13.50
CA TYR B 134 10.58 -10.05 13.35
C TYR B 134 10.54 -9.23 12.06
N LEU B 135 11.36 -8.20 11.98
CA LEU B 135 11.65 -7.56 10.70
C LEU B 135 12.80 -8.31 10.05
N PHE B 136 12.82 -8.32 8.72
CA PHE B 136 13.90 -8.97 8.00
C PHE B 136 14.44 -8.03 6.96
N VAL B 137 15.71 -8.20 6.62
CA VAL B 137 16.31 -7.42 5.54
C VAL B 137 16.92 -8.41 4.56
N GLY B 138 16.72 -8.17 3.26
CA GLY B 138 17.33 -9.02 2.24
C GLY B 138 18.47 -8.34 1.51
N SER B 139 19.58 -9.04 1.32
CA SER B 139 20.65 -8.55 0.45
C SER B 139 20.63 -9.47 -0.74
N ALA B 140 20.45 -8.92 -1.94
CA ALA B 140 20.15 -9.77 -3.10
C ALA B 140 21.15 -9.68 -4.25
N ALA B 141 20.99 -10.55 -5.24
CA ALA B 141 21.86 -10.57 -6.42
C ALA B 141 21.03 -10.87 -7.67
N ARG B 142 21.21 -10.07 -8.71
CA ARG B 142 20.46 -10.20 -9.97
C ARG B 142 21.30 -10.99 -10.95
N HIS B 143 20.79 -12.14 -11.37
CA HIS B 143 21.35 -12.86 -12.50
C HIS B 143 20.33 -12.86 -13.65
N ALA B 144 20.70 -13.43 -14.79
CA ALA B 144 19.87 -13.31 -15.98
C ALA B 144 18.60 -14.12 -15.81
N ASP B 145 18.71 -15.21 -15.06
CA ASP B 145 17.67 -16.23 -14.94
C ASP B 145 17.02 -16.29 -13.56
N ARG B 146 17.58 -15.58 -12.60
CA ARG B 146 17.17 -15.71 -11.21
C ARG B 146 17.59 -14.51 -10.37
N VAL B 147 17.02 -14.43 -9.18
CA VAL B 147 17.37 -13.47 -8.13
C VAL B 147 17.62 -14.26 -6.84
N VAL B 148 18.74 -13.98 -6.15
CA VAL B 148 19.17 -14.67 -4.94
C VAL B 148 19.16 -13.70 -3.78
N ILE B 149 18.25 -13.91 -2.83
CA ILE B 149 18.07 -12.99 -1.70
C ILE B 149 18.57 -13.70 -0.47
N ASP B 150 19.59 -13.14 0.17
CA ASP B 150 20.05 -13.61 1.45
C ASP B 150 19.28 -12.86 2.50
N VAL B 151 18.50 -13.58 3.28
CA VAL B 151 17.55 -12.99 4.24
C VAL B 151 18.18 -12.96 5.63
N HIS B 152 18.13 -11.80 6.26
CA HIS B 152 18.69 -11.61 7.56
C HIS B 152 17.60 -11.20 8.52
N GLN B 153 17.56 -11.84 9.69
CA GLN B 153 16.62 -11.51 10.74
C GLN B 153 17.14 -10.30 11.49
N VAL B 154 16.31 -9.25 11.65
CA VAL B 154 16.71 -8.10 12.46
C VAL B 154 16.43 -8.38 13.92
N LEU B 155 17.49 -8.30 14.73
CA LEU B 155 17.37 -8.51 16.14
C LEU B 155 17.22 -7.18 16.83
N THR C 4 -25.65 -3.91 -22.39
CA THR C 4 -24.42 -3.39 -21.78
C THR C 4 -24.52 -3.39 -20.25
N PRO C 5 -23.46 -3.87 -19.56
CA PRO C 5 -23.44 -3.91 -18.09
C PRO C 5 -23.76 -2.58 -17.42
N THR C 6 -24.41 -2.64 -16.25
CA THR C 6 -24.90 -1.46 -15.53
C THR C 6 -24.29 -1.36 -14.13
N LEU C 7 -24.08 -0.13 -13.65
CA LEU C 7 -23.64 0.06 -12.26
C LEU C 7 -24.55 1.03 -11.55
N GLU C 8 -25.00 0.64 -10.36
CA GLU C 8 -25.85 1.50 -9.54
C GLU C 8 -25.09 1.95 -8.31
N THR C 9 -25.24 3.23 -7.97
CA THR C 9 -24.71 3.79 -6.73
C THR C 9 -25.79 4.59 -6.01
N LYS C 10 -25.49 4.98 -4.78
CA LYS C 10 -26.43 5.65 -3.90
C LYS C 10 -25.68 6.65 -3.04
N TYR C 11 -26.05 7.93 -3.13
CA TYR C 11 -25.55 8.93 -2.20
C TYR C 11 -25.94 8.58 -0.78
N VAL C 12 -24.97 8.54 0.13
CA VAL C 12 -25.27 8.23 1.53
C VAL C 12 -24.91 9.35 2.52
N PHE C 13 -23.77 10.02 2.33
CA PHE C 13 -23.41 11.10 3.26
C PHE C 13 -22.25 11.97 2.78
N THR C 14 -21.99 13.06 3.50
CA THR C 14 -20.98 14.03 3.10
C THR C 14 -19.96 14.27 4.19
N ILE C 15 -18.69 14.01 3.87
CA ILE C 15 -17.59 14.40 4.73
C ILE C 15 -17.09 15.77 4.31
N THR C 16 -17.16 16.73 5.22
CA THR C 16 -16.54 18.02 5.06
C THR C 16 -15.33 18.01 5.98
N ALA C 17 -14.15 18.20 5.39
CA ALA C 17 -12.89 18.19 6.12
C ALA C 17 -12.25 19.56 6.08
N ARG C 18 -12.03 20.16 7.25
N ARG C 18 -12.00 20.15 7.25
CA ARG C 18 -11.39 21.48 7.36
CA ARG C 18 -11.41 21.49 7.33
C ARG C 18 -9.89 21.33 7.22
C ARG C 18 -9.89 21.41 7.30
N ILE C 19 -9.28 22.12 6.35
CA ILE C 19 -7.84 21.97 6.07
C ILE C 19 -7.01 23.21 6.44
N GLY C 20 -5.70 23.00 6.61
CA GLY C 20 -4.74 24.07 6.89
C GLY C 20 -3.69 24.27 5.80
N ASP C 21 -2.64 25.03 6.14
CA ASP C 21 -1.56 25.37 5.21
C ASP C 21 -0.81 24.15 4.67
N VAL C 22 -0.34 24.22 3.43
CA VAL C 22 0.40 23.10 2.79
C VAL C 22 1.91 23.16 3.07
N THR C 23 2.53 21.99 3.18
CA THR C 23 3.99 21.86 3.33
C THR C 23 4.51 20.96 2.21
N SER C 24 5.48 21.44 1.43
CA SER C 24 5.91 20.73 0.23
C SER C 24 7.30 20.14 0.36
N ALA C 25 7.46 18.89 -0.08
CA ALA C 25 8.73 18.16 -0.02
C ALA C 25 9.59 18.33 -1.27
N GLY C 26 8.95 18.62 -2.41
CA GLY C 26 9.67 18.87 -3.66
C GLY C 26 9.30 17.90 -4.79
N GLY C 31 6.58 13.13 -8.99
CA GLY C 31 6.97 14.54 -8.95
C GLY C 31 7.06 15.17 -7.56
N VAL C 32 6.12 16.08 -7.26
CA VAL C 32 6.17 16.87 -6.03
C VAL C 32 5.35 16.23 -4.89
N ARG C 33 5.99 16.00 -3.74
CA ARG C 33 5.30 15.51 -2.55
C ARG C 33 4.91 16.66 -1.63
N ARG C 34 3.65 16.71 -1.23
CA ARG C 34 3.17 17.74 -0.27
C ARG C 34 2.12 17.20 0.72
N ILE C 35 2.03 17.86 1.87
CA ILE C 35 1.26 17.39 3.02
C ILE C 35 0.34 18.51 3.52
N ILE C 36 -0.96 18.21 3.56
CA ILE C 36 -1.99 19.15 4.01
C ILE C 36 -2.71 18.62 5.27
N PRO C 37 -2.51 19.27 6.42
CA PRO C 37 -3.15 18.85 7.68
C PRO C 37 -4.68 18.98 7.70
N ILE C 38 -5.32 17.96 8.27
CA ILE C 38 -6.76 17.95 8.56
C ILE C 38 -6.97 18.42 9.99
N LEU C 39 -7.72 19.52 10.12
CA LEU C 39 -7.91 20.20 11.39
C LEU C 39 -9.27 19.93 12.04
N GLY C 40 -10.21 19.40 11.26
CA GLY C 40 -11.56 19.10 11.75
C GLY C 40 -12.57 18.92 10.64
N GLY C 41 -13.82 19.26 10.92
CA GLY C 41 -14.92 19.10 9.95
C GLY C 41 -16.03 18.23 10.51
N GLU C 42 -17.02 17.91 9.67
N GLU C 42 -17.05 17.95 9.70
CA GLU C 42 -18.18 17.13 10.10
CA GLU C 42 -18.16 17.10 10.15
C GLU C 42 -18.63 16.08 9.09
C GLU C 42 -18.65 16.11 9.09
N VAL C 43 -19.49 15.17 9.53
CA VAL C 43 -20.09 14.16 8.65
C VAL C 43 -21.61 14.19 8.81
N LYS C 44 -22.34 14.27 7.69
CA LYS C 44 -23.79 14.41 7.70
C LYS C 44 -24.49 13.56 6.62
N GLY C 45 -25.49 12.78 7.04
CA GLY C 45 -26.33 11.93 6.17
C GLY C 45 -27.41 11.25 7.02
N GLU C 46 -28.22 10.38 6.41
CA GLU C 46 -29.23 9.60 7.17
C GLU C 46 -28.56 8.63 8.14
N GLY C 47 -28.68 8.89 9.44
CA GLY C 47 -28.09 8.01 10.45
C GLY C 47 -26.62 8.29 10.77
N ILE C 48 -25.98 9.11 9.94
CA ILE C 48 -24.61 9.53 10.17
C ILE C 48 -24.61 11.00 10.55
N SER C 49 -24.10 11.28 11.73
CA SER C 49 -23.82 12.63 12.16
C SER C 49 -22.64 12.50 13.10
N GLY C 50 -21.57 13.19 12.78
CA GLY C 50 -20.33 13.08 13.53
C GLY C 50 -19.39 14.20 13.20
N GLN C 51 -18.27 14.27 13.90
CA GLN C 51 -17.29 15.30 13.68
C GLN C 51 -15.97 14.64 13.29
N VAL C 52 -15.31 15.20 12.28
CA VAL C 52 -13.98 14.77 11.87
C VAL C 52 -13.02 15.17 12.99
N LEU C 53 -12.09 14.29 13.33
CA LEU C 53 -11.18 14.53 14.47
C LEU C 53 -10.01 15.47 14.09
N PRO C 54 -9.48 16.23 15.09
CA PRO C 54 -8.49 17.25 14.73
C PRO C 54 -7.06 16.71 14.60
N PHE C 55 -6.91 15.72 13.72
CA PHE C 55 -5.60 15.15 13.38
C PHE C 55 -5.72 14.37 12.06
N GLY C 56 -4.57 14.02 11.50
CA GLY C 56 -4.50 13.40 10.18
C GLY C 56 -3.97 14.38 9.15
N ALA C 57 -3.68 13.89 7.94
CA ALA C 57 -3.24 14.74 6.83
C ALA C 57 -3.55 14.10 5.48
N ASP C 58 -3.57 14.90 4.42
CA ASP C 58 -3.57 14.35 3.07
C ASP C 58 -2.14 14.40 2.52
N PHE C 59 -1.60 13.23 2.21
CA PHE C 59 -0.23 13.15 1.71
C PHE C 59 -0.27 13.00 0.20
N GLN C 60 0.12 14.07 -0.49
CA GLN C 60 -0.18 14.20 -1.92
C GLN C 60 1.05 14.12 -2.81
N ILE C 61 0.84 13.61 -4.03
CA ILE C 61 1.78 13.74 -5.12
C ILE C 61 1.13 14.53 -6.25
N ILE C 62 1.79 15.61 -6.64
CA ILE C 62 1.46 16.35 -7.85
C ILE C 62 2.29 15.79 -9.01
N ARG C 63 1.63 15.17 -9.98
N ARG C 63 1.62 15.17 -9.98
CA ARG C 63 2.26 14.70 -11.20
CA ARG C 63 2.22 14.71 -11.23
C ARG C 63 2.71 15.91 -12.06
C ARG C 63 2.71 15.92 -12.05
N PRO C 64 3.55 15.64 -13.05
CA PRO C 64 4.16 16.72 -13.84
C PRO C 64 3.13 17.47 -14.68
N ASN C 65 1.97 16.84 -14.89
CA ASN C 65 0.93 17.44 -15.70
C ASN C 65 -0.12 18.17 -14.85
N GLU C 66 0.23 18.41 -13.59
CA GLU C 66 -0.59 19.24 -12.72
C GLU C 66 -1.74 18.44 -12.10
N LEU C 67 -1.62 17.11 -12.16
CA LEU C 67 -2.64 16.23 -11.59
C LEU C 67 -2.26 15.79 -10.18
N ILE C 68 -3.26 15.61 -9.33
CA ILE C 68 -3.03 15.45 -7.90
C ILE C 68 -3.49 14.08 -7.43
N GLU C 69 -2.52 13.25 -7.01
CA GLU C 69 -2.84 12.01 -6.31
C GLU C 69 -3.07 12.26 -4.82
N LEU C 70 -4.30 12.01 -4.37
CA LEU C 70 -4.70 12.23 -2.98
C LEU C 70 -4.66 10.94 -2.18
N GLU C 71 -4.21 11.05 -0.94
CA GLU C 71 -4.03 9.91 -0.07
C GLU C 71 -4.12 10.44 1.36
N ALA C 72 -5.36 10.56 1.85
CA ALA C 72 -5.67 11.12 3.17
C ALA C 72 -6.04 10.04 4.16
N LYS C 73 -5.56 10.20 5.38
CA LYS C 73 -5.90 9.30 6.47
C LYS C 73 -6.32 10.12 7.68
N TYR C 74 -7.57 9.93 8.09
CA TYR C 74 -8.12 10.58 9.26
C TYR C 74 -9.21 9.72 9.89
N ALA C 75 -9.98 10.32 10.78
CA ALA C 75 -11.06 9.60 11.46
C ALA C 75 -12.22 10.54 11.66
N PHE C 76 -13.36 9.97 11.98
CA PHE C 76 -14.44 10.74 12.53
C PHE C 76 -15.15 9.97 13.64
N GLU C 77 -15.89 10.70 14.46
CA GLU C 77 -16.62 10.12 15.57
C GLU C 77 -18.07 10.54 15.47
N THR C 78 -18.97 9.55 15.39
CA THR C 78 -20.40 9.82 15.36
C THR C 78 -20.94 10.16 16.75
N ASP C 79 -22.22 10.54 16.80
CA ASP C 79 -22.94 10.82 18.05
C ASP C 79 -23.06 9.57 18.93
N ASP C 80 -23.11 8.41 18.28
CA ASP C 80 -23.22 7.10 18.95
C ASP C 80 -22.00 6.78 19.81
N GLY C 81 -20.85 7.28 19.37
CA GLY C 81 -19.58 6.91 19.96
C GLY C 81 -18.83 5.96 19.06
N ALA C 82 -19.29 5.84 17.83
CA ALA C 82 -18.56 5.09 16.81
C ALA C 82 -17.38 5.91 16.34
N VAL C 83 -16.18 5.34 16.44
CA VAL C 83 -14.99 5.97 15.82
C VAL C 83 -14.67 5.27 14.50
N VAL C 84 -14.59 6.06 13.43
CA VAL C 84 -14.43 5.53 12.07
C VAL C 84 -13.15 6.05 11.40
N TYR C 85 -12.25 5.13 11.11
CA TYR C 85 -11.01 5.47 10.44
C TYR C 85 -11.30 5.60 8.95
N VAL C 86 -10.82 6.69 8.35
CA VAL C 86 -11.05 7.00 6.93
C VAL C 86 -9.74 6.95 6.17
N GLU C 87 -9.76 6.25 5.05
CA GLU C 87 -8.64 6.25 4.14
C GLU C 87 -9.18 6.71 2.81
N ASN C 88 -8.84 7.93 2.39
CA ASN C 88 -9.44 8.50 1.18
C ASN C 88 -8.44 8.73 0.03
N VAL C 89 -8.52 7.88 -0.97
CA VAL C 89 -7.52 7.82 -2.04
C VAL C 89 -8.18 8.23 -3.35
N GLY C 90 -7.48 9.04 -4.15
CA GLY C 90 -8.10 9.48 -5.38
C GLY C 90 -7.37 10.53 -6.15
N ILE C 91 -8.09 11.19 -7.04
CA ILE C 91 -7.46 12.10 -7.98
C ILE C 91 -8.31 13.33 -8.25
N ARG C 92 -7.60 14.45 -8.43
CA ARG C 92 -8.17 15.72 -8.85
C ARG C 92 -7.41 16.17 -10.10
N PHE C 93 -8.16 16.40 -11.18
CA PHE C 93 -7.61 16.75 -12.49
C PHE C 93 -8.61 17.67 -13.18
N GLY C 94 -8.32 18.04 -14.42
CA GLY C 94 -9.08 19.08 -15.12
C GLY C 94 -8.17 20.00 -15.91
N PRO C 95 -8.74 21.03 -16.58
CA PRO C 95 -7.91 21.88 -17.46
C PRO C 95 -6.85 22.66 -16.67
N VAL C 96 -5.61 22.67 -17.18
CA VAL C 96 -4.42 23.08 -16.39
C VAL C 96 -4.48 24.45 -15.73
N GLU C 97 -5.06 25.43 -16.42
CA GLU C 97 -5.19 26.79 -15.90
C GLU C 97 -6.11 26.87 -14.68
N LEU C 98 -7.16 26.04 -14.66
CA LEU C 98 -8.04 25.93 -13.49
C LEU C 98 -7.36 25.26 -12.29
N LEU C 99 -6.43 24.33 -12.56
CA LEU C 99 -5.67 23.68 -11.50
C LEU C 99 -4.68 24.65 -10.87
N ARG C 100 -4.12 25.56 -11.68
CA ARG C 100 -3.19 26.56 -11.16
C ARG C 100 -3.88 27.61 -10.27
N LYS C 101 -5.14 27.90 -10.56
CA LYS C 101 -5.98 28.78 -9.73
C LYS C 101 -6.22 28.20 -8.35
N LEU C 102 -6.56 26.91 -8.28
CA LEU C 102 -6.80 26.23 -7.02
C LEU C 102 -5.54 26.21 -6.18
N LYS C 103 -4.42 25.97 -6.86
CA LYS C 103 -3.10 25.85 -6.23
C LYS C 103 -2.68 27.19 -5.64
N ARG C 104 -3.42 28.23 -6.02
CA ARG C 104 -3.18 29.60 -5.58
C ARG C 104 -4.07 29.93 -4.38
N GLY C 105 -5.25 29.30 -4.32
CA GLY C 105 -6.25 29.62 -3.30
C GLY C 105 -7.48 30.31 -3.90
N GLU C 106 -7.35 30.67 -5.18
CA GLU C 106 -8.41 31.33 -5.97
C GLU C 106 -9.59 30.36 -6.19
N PRO C 107 -10.84 30.85 -6.00
CA PRO C 107 -12.03 29.98 -6.06
C PRO C 107 -12.35 29.43 -7.45
N VAL C 108 -12.65 28.13 -7.52
CA VAL C 108 -13.04 27.46 -8.77
C VAL C 108 -14.31 26.64 -8.61
N ASP C 109 -15.17 26.69 -9.63
CA ASP C 109 -16.41 25.91 -9.69
C ASP C 109 -16.13 24.40 -9.75
N PRO C 110 -16.48 23.67 -8.67
CA PRO C 110 -16.13 22.24 -8.53
C PRO C 110 -16.68 21.35 -9.64
N LYS C 111 -17.77 21.78 -10.26
CA LYS C 111 -18.43 21.00 -11.31
C LYS C 111 -17.58 20.92 -12.60
N VAL C 112 -16.66 21.87 -12.73
CA VAL C 112 -15.77 21.94 -13.88
C VAL C 112 -14.49 21.11 -13.64
N ILE C 113 -14.27 20.71 -12.39
CA ILE C 113 -13.09 19.95 -12.00
C ILE C 113 -13.43 18.47 -11.86
N TYR C 114 -12.47 17.61 -12.16
CA TYR C 114 -12.62 16.19 -11.87
C TYR C 114 -11.96 15.91 -10.52
N PHE C 115 -12.77 15.57 -9.52
CA PHE C 115 -12.29 15.29 -8.16
C PHE C 115 -13.02 14.07 -7.62
N ARG C 116 -12.49 12.88 -7.90
CA ARG C 116 -13.15 11.65 -7.48
C ARG C 116 -12.20 10.79 -6.65
N THR C 117 -12.75 10.18 -5.60
CA THR C 117 -11.97 9.42 -4.63
C THR C 117 -12.61 8.07 -4.29
N ARG C 118 -11.89 7.21 -3.59
CA ARG C 118 -12.49 6.01 -3.02
C ARG C 118 -12.22 6.03 -1.53
N PRO C 119 -13.22 6.41 -0.72
CA PRO C 119 -12.97 6.29 0.71
C PRO C 119 -13.19 4.86 1.20
N ARG C 120 -12.24 4.38 1.98
N ARG C 120 -12.30 4.40 2.05
CA ARG C 120 -12.39 3.14 2.76
CA ARG C 120 -12.43 3.12 2.74
C ARG C 120 -12.68 3.54 4.20
C ARG C 120 -12.51 3.39 4.24
N PHE C 121 -13.43 2.71 4.92
CA PHE C 121 -13.72 2.94 6.33
C PHE C 121 -13.38 1.74 7.20
N GLU C 122 -12.91 1.99 8.43
CA GLU C 122 -12.73 0.92 9.40
C GLU C 122 -13.35 1.33 10.73
N THR C 123 -14.26 0.48 11.24
CA THR C 123 -14.92 0.59 12.58
C THR C 123 -15.13 -0.78 13.19
N GLY C 124 -15.18 -0.82 14.52
CA GLY C 124 -15.66 -2.00 15.24
C GLY C 124 -17.08 -1.85 15.75
N HIS C 125 -17.67 -0.69 15.47
CA HIS C 125 -19.00 -0.38 15.96
C HIS C 125 -20.04 -1.16 15.16
N PRO C 126 -20.90 -1.94 15.86
CA PRO C 126 -21.91 -2.85 15.29
C PRO C 126 -22.90 -2.18 14.31
N ASN C 127 -23.12 -0.87 14.49
CA ASN C 127 -24.08 -0.16 13.70
C ASN C 127 -23.53 0.16 12.32
N TYR C 128 -22.23 0.45 12.30
CA TYR C 128 -21.59 1.02 11.12
C TYR C 128 -20.77 -0.02 10.37
N GLN C 129 -21.04 -1.29 10.63
CA GLN C 129 -20.37 -2.40 9.95
C GLN C 129 -20.58 -2.36 8.45
N TRP C 130 -21.67 -1.71 8.04
CA TRP C 130 -22.03 -1.60 6.65
C TRP C 130 -20.99 -0.78 5.90
N LEU C 131 -20.37 0.17 6.60
CA LEU C 131 -19.28 0.97 6.04
C LEU C 131 -18.08 0.11 5.59
N GLN C 133 -18.68 -3.14 4.39
CA GLN C 133 -19.23 -4.24 3.59
C GLN C 133 -19.53 -3.82 2.18
N TYR C 134 -19.33 -2.53 1.92
CA TYR C 134 -19.58 -1.96 0.61
C TYR C 134 -18.36 -1.18 0.20
N LEU C 135 -18.26 -0.95 -1.12
CA LEU C 135 -17.32 -0.02 -1.70
C LEU C 135 -18.00 1.35 -1.85
N PHE C 136 -17.21 2.41 -1.76
CA PHE C 136 -17.71 3.77 -1.87
C PHE C 136 -16.90 4.55 -2.88
N VAL C 137 -17.53 5.44 -3.60
CA VAL C 137 -16.85 6.41 -4.42
C VAL C 137 -17.22 7.80 -3.89
N GLY C 138 -16.23 8.66 -3.70
CA GLY C 138 -16.48 10.05 -3.38
C GLY C 138 -16.38 10.98 -4.59
N SER C 139 -17.25 11.98 -4.60
CA SER C 139 -17.18 13.05 -5.59
C SER C 139 -17.00 14.28 -4.73
N ALA C 140 -15.88 14.97 -4.92
CA ALA C 140 -15.46 16.02 -3.99
C ALA C 140 -15.31 17.40 -4.60
N ALA C 141 -15.11 18.39 -3.73
CA ALA C 141 -15.01 19.79 -4.07
C ALA C 141 -13.92 20.43 -3.21
N ARG C 142 -13.01 21.14 -3.84
CA ARG C 142 -11.90 21.75 -3.14
C ARG C 142 -12.16 23.23 -2.99
N HIS C 143 -12.10 23.70 -1.74
CA HIS C 143 -12.10 25.15 -1.42
C HIS C 143 -10.82 25.47 -0.64
N ALA C 144 -10.52 26.74 -0.44
CA ALA C 144 -9.30 27.15 0.26
C ALA C 144 -9.18 26.56 1.67
N ASP C 145 -10.31 26.46 2.37
CA ASP C 145 -10.35 26.10 3.79
C ASP C 145 -10.89 24.70 4.07
N ARG C 146 -11.56 24.10 3.09
CA ARG C 146 -12.20 22.81 3.26
C ARG C 146 -12.26 21.98 1.97
N VAL C 147 -12.48 20.68 2.16
CA VAL C 147 -12.72 19.70 1.10
C VAL C 147 -14.06 19.04 1.41
N VAL C 148 -15.01 19.19 0.49
CA VAL C 148 -16.33 18.62 0.66
C VAL C 148 -16.40 17.34 -0.16
N ILE C 149 -16.60 16.20 0.51
CA ILE C 149 -16.67 14.91 -0.16
C ILE C 149 -18.08 14.33 -0.12
N ASP C 150 -18.67 14.16 -1.29
CA ASP C 150 -19.95 13.47 -1.35
C ASP C 150 -19.74 11.96 -1.53
N VAL C 151 -20.04 11.21 -0.48
CA VAL C 151 -19.81 9.76 -0.48
C VAL C 151 -20.99 8.99 -1.07
N HIS C 152 -20.71 8.16 -2.08
CA HIS C 152 -21.76 7.36 -2.74
C HIS C 152 -21.46 5.87 -2.52
N GLN C 153 -22.48 5.12 -2.16
CA GLN C 153 -22.38 3.69 -1.92
C GLN C 153 -22.50 2.94 -3.24
N VAL C 154 -21.50 2.12 -3.56
CA VAL C 154 -21.59 1.30 -4.74
C VAL C 154 -22.48 0.11 -4.44
N LEU C 155 -23.51 -0.05 -5.26
CA LEU C 155 -24.49 -1.09 -5.10
C LEU C 155 -24.18 -2.23 -6.06
N THR D 4 29.29 -17.80 5.09
CA THR D 4 27.85 -17.49 5.27
C THR D 4 27.61 -15.98 5.04
N PRO D 5 26.51 -15.61 4.33
CA PRO D 5 26.24 -14.21 3.92
C PRO D 5 26.22 -13.19 5.07
N THR D 6 26.64 -11.96 4.79
CA THR D 6 26.78 -10.92 5.82
C THR D 6 25.99 -9.66 5.46
N LEU D 7 25.61 -8.90 6.48
CA LEU D 7 24.90 -7.64 6.25
C LEU D 7 25.54 -6.53 7.06
N GLU D 8 25.90 -5.45 6.36
N GLU D 8 25.86 -5.45 6.33
CA GLU D 8 26.49 -4.33 7.05
CA GLU D 8 26.53 -4.26 6.89
C GLU D 8 25.50 -3.17 7.11
C GLU D 8 25.52 -3.14 7.08
N THR D 9 25.50 -2.53 8.26
CA THR D 9 24.67 -1.36 8.50
C THR D 9 25.49 -0.31 9.22
N LYS D 10 24.99 0.92 9.20
CA LYS D 10 25.68 2.04 9.80
C LYS D 10 24.63 2.91 10.46
N TYR D 11 24.81 3.23 11.73
CA TYR D 11 23.93 4.18 12.39
C TYR D 11 24.18 5.56 11.82
N VAL D 12 23.09 6.25 11.52
CA VAL D 12 23.19 7.49 10.77
C VAL D 12 22.50 8.68 11.48
N PHE D 13 21.33 8.46 12.08
CA PHE D 13 20.65 9.54 12.84
C PHE D 13 19.47 9.06 13.70
N THR D 14 19.02 9.93 14.60
CA THR D 14 17.94 9.60 15.52
C THR D 14 16.72 10.48 15.30
N ILE D 15 15.58 9.85 15.07
CA ILE D 15 14.30 10.56 15.07
C ILE D 15 13.65 10.50 16.45
N THR D 16 12.77 11.46 16.72
CA THR D 16 12.06 11.52 17.99
C THR D 16 10.71 12.21 17.84
N ALA D 17 9.68 11.44 17.51
CA ALA D 17 8.37 11.99 17.22
C ALA D 17 7.51 12.05 18.48
N ARG D 18 7.23 13.27 18.94
CA ARG D 18 6.35 13.47 20.09
C ARG D 18 4.90 13.12 19.76
N ILE D 19 4.41 12.05 20.37
CA ILE D 19 3.08 11.53 20.04
C ILE D 19 2.03 12.01 21.04
N GLY D 20 0.77 11.88 20.68
CA GLY D 20 -0.32 12.45 21.44
C GLY D 20 -1.23 11.39 22.03
N ASP D 21 -2.41 11.82 22.48
CA ASP D 21 -3.39 10.90 23.06
C ASP D 21 -3.85 9.86 22.04
N VAL D 22 -4.12 8.65 22.50
CA VAL D 22 -4.48 7.55 21.62
C VAL D 22 -5.98 7.59 21.29
N THR D 23 -6.30 7.45 20.01
CA THR D 23 -7.68 7.33 19.58
C THR D 23 -7.93 5.97 18.94
N SER D 24 -8.93 5.26 19.44
CA SER D 24 -9.21 3.88 19.00
C SER D 24 -10.53 3.74 18.25
N ALA D 25 -10.49 2.96 17.18
CA ALA D 25 -11.64 2.75 16.32
C ALA D 25 -12.30 1.39 16.55
N GLY D 26 -11.57 0.47 17.18
CA GLY D 26 -12.12 -0.84 17.58
C GLY D 26 -11.85 -2.00 16.63
N GLU D 27 -12.59 -3.09 16.84
CA GLU D 27 -12.41 -4.33 16.06
C GLU D 27 -12.83 -4.27 14.59
N ILE D 28 -11.90 -4.62 13.72
CA ILE D 28 -12.19 -4.80 12.30
C ILE D 28 -12.45 -6.29 12.03
N GLY D 29 -12.54 -7.06 13.12
CA GLY D 29 -12.52 -8.51 13.07
C GLY D 29 -11.09 -9.03 12.96
N THR D 30 -10.24 -8.27 12.27
CA THR D 30 -8.85 -8.69 12.01
C THR D 30 -7.81 -7.99 12.90
N GLY D 31 -8.29 -7.38 13.98
CA GLY D 31 -7.44 -6.60 14.89
C GLY D 31 -8.08 -5.30 15.31
N VAL D 32 -7.46 -4.61 16.25
CA VAL D 32 -7.94 -3.30 16.70
C VAL D 32 -7.13 -2.14 16.08
N ARG D 33 -7.85 -1.25 15.40
CA ARG D 33 -7.29 -0.08 14.75
C ARG D 33 -7.20 1.09 15.73
N ARG D 34 -6.02 1.70 15.81
CA ARG D 34 -5.86 2.92 16.61
C ARG D 34 -4.98 3.95 15.91
N ILE D 35 -5.19 5.22 16.23
CA ILE D 35 -4.44 6.32 15.65
C ILE D 35 -3.73 7.15 16.71
N ILE D 36 -2.50 7.56 16.41
CA ILE D 36 -1.67 8.29 17.38
C ILE D 36 -1.00 9.54 16.75
N PRO D 37 -1.66 10.69 16.89
CA PRO D 37 -1.18 11.93 16.28
C PRO D 37 0.30 12.17 16.57
N ILE D 38 0.94 12.99 15.75
CA ILE D 38 2.32 13.41 16.02
C ILE D 38 2.46 14.93 15.87
N LEU D 39 2.83 15.59 16.95
CA LEU D 39 2.55 17.02 17.11
C LEU D 39 3.85 17.82 17.22
N GLY D 40 4.98 17.13 17.10
CA GLY D 40 6.26 17.79 16.94
C GLY D 40 7.43 16.86 17.21
N GLY D 41 8.60 17.44 17.42
CA GLY D 41 9.78 16.68 17.79
C GLY D 41 10.85 16.69 16.72
N GLU D 42 11.98 16.06 17.00
CA GLU D 42 13.24 16.44 16.39
C GLU D 42 13.89 15.26 15.69
N VAL D 43 14.51 15.52 14.54
CA VAL D 43 15.48 14.58 13.94
C VAL D 43 16.93 15.05 14.21
N LYS D 44 17.90 14.11 14.30
CA LYS D 44 19.26 14.44 14.91
C LYS D 44 20.40 13.46 14.57
N GLY D 45 21.58 13.99 14.26
CA GLY D 45 22.70 13.15 13.79
C GLY D 45 23.81 13.88 13.06
N GLU D 46 24.58 13.17 12.22
CA GLU D 46 25.74 13.79 11.55
C GLU D 46 25.31 14.48 10.25
N GLY D 47 25.58 15.79 10.20
CA GLY D 47 25.25 16.59 9.04
C GLY D 47 23.77 16.67 8.69
N ILE D 48 22.92 15.99 9.48
CA ILE D 48 21.46 16.14 9.32
C ILE D 48 20.74 16.48 10.64
N SER D 49 20.69 17.77 11.01
CA SER D 49 19.84 18.24 12.12
C SER D 49 18.48 18.75 11.56
N GLY D 50 17.40 18.55 12.35
CA GLY D 50 16.06 19.06 11.95
C GLY D 50 14.91 18.94 12.99
N GLN D 51 13.70 19.35 12.58
CA GLN D 51 12.47 19.29 13.40
C GLN D 51 11.37 18.43 12.70
N VAL D 52 10.81 17.43 13.39
CA VAL D 52 9.54 16.83 12.95
C VAL D 52 8.38 17.80 13.04
N LEU D 53 7.54 17.78 12.01
CA LEU D 53 6.45 18.71 11.87
C LEU D 53 5.16 18.24 12.56
N PRO D 54 4.33 19.19 13.06
CA PRO D 54 3.20 18.88 13.95
C PRO D 54 1.95 18.36 13.23
N PHE D 55 2.12 17.39 12.35
CA PHE D 55 0.97 16.73 11.74
C PHE D 55 1.35 15.35 11.26
N GLY D 56 0.35 14.60 10.81
CA GLY D 56 0.54 13.19 10.52
C GLY D 56 0.27 12.45 11.80
N ALA D 57 0.35 11.12 11.72
CA ALA D 57 0.00 10.25 12.83
C ALA D 57 0.51 8.83 12.63
N ASP D 58 0.55 8.08 13.73
CA ASP D 58 0.73 6.64 13.68
C ASP D 58 -0.63 5.96 13.63
N PHE D 59 -0.87 5.21 12.56
CA PHE D 59 -2.08 4.40 12.39
C PHE D 59 -1.72 2.94 12.58
N GLN D 60 -2.36 2.29 13.54
CA GLN D 60 -1.94 0.98 13.99
C GLN D 60 -2.99 -0.11 13.93
N ILE D 61 -2.53 -1.35 13.93
CA ILE D 61 -3.35 -2.51 14.20
C ILE D 61 -2.72 -3.25 15.38
N ILE D 62 -3.54 -3.65 16.32
CA ILE D 62 -3.12 -4.53 17.41
C ILE D 62 -3.70 -5.90 17.09
N ARG D 63 -2.82 -6.87 16.81
CA ARG D 63 -3.25 -8.25 16.56
C ARG D 63 -3.80 -8.85 17.86
N PRO D 64 -4.71 -9.85 17.74
CA PRO D 64 -5.17 -10.60 18.89
C PRO D 64 -4.04 -11.07 19.82
N ASN D 65 -2.87 -11.39 19.25
CA ASN D 65 -1.72 -11.79 20.05
C ASN D 65 -0.96 -10.61 20.69
N GLU D 66 -1.44 -9.40 20.39
CA GLU D 66 -0.99 -8.14 21.01
C GLU D 66 0.23 -7.48 20.37
N LEU D 67 0.75 -8.09 19.30
CA LEU D 67 1.74 -7.45 18.45
C LEU D 67 1.09 -6.23 17.79
N ILE D 68 1.87 -5.15 17.68
CA ILE D 68 1.39 -3.93 17.08
C ILE D 68 2.13 -3.68 15.78
N GLU D 69 1.38 -3.64 14.69
CA GLU D 69 1.95 -3.21 13.43
C GLU D 69 1.70 -1.73 13.21
N LEU D 70 2.79 -0.97 13.05
CA LEU D 70 2.74 0.49 12.97
C LEU D 70 2.95 0.98 11.55
N GLU D 71 2.33 2.13 11.25
CA GLU D 71 2.48 2.80 9.96
C GLU D 71 2.38 4.27 10.25
N ALA D 72 3.54 4.88 10.52
CA ALA D 72 3.62 6.32 10.75
C ALA D 72 3.96 7.06 9.46
N LYS D 73 3.16 8.06 9.13
CA LYS D 73 3.37 8.94 7.99
C LYS D 73 3.48 10.35 8.55
N TYR D 74 4.67 10.93 8.41
CA TYR D 74 4.95 12.27 8.93
C TYR D 74 6.09 12.98 8.17
N ALA D 75 6.52 14.15 8.66
CA ALA D 75 7.54 14.92 7.96
C ALA D 75 8.42 15.70 8.90
N PHE D 76 9.69 15.86 8.52
CA PHE D 76 10.51 16.93 9.15
C PHE D 76 11.14 17.87 8.14
N GLU D 77 11.57 19.01 8.65
CA GLU D 77 12.28 20.03 7.91
C GLU D 77 13.64 20.20 8.57
N THR D 78 14.71 20.20 7.79
CA THR D 78 16.07 20.32 8.32
C THR D 78 16.52 21.77 8.34
N ASP D 79 17.80 21.99 8.60
CA ASP D 79 18.37 23.35 8.69
C ASP D 79 18.53 23.96 7.30
N ASP D 80 18.99 23.14 6.36
CA ASP D 80 19.12 23.50 4.95
C ASP D 80 17.81 23.99 4.34
N GLY D 81 16.70 23.50 4.88
CA GLY D 81 15.38 23.86 4.38
C GLY D 81 14.77 22.72 3.59
N ALA D 82 15.35 21.54 3.74
CA ALA D 82 14.81 20.35 3.12
C ALA D 82 13.56 19.95 3.87
N VAL D 83 12.54 19.52 3.14
CA VAL D 83 11.37 18.89 3.76
C VAL D 83 11.40 17.42 3.43
N VAL D 84 11.62 16.60 4.45
CA VAL D 84 11.68 15.15 4.23
C VAL D 84 10.36 14.50 4.66
N TYR D 85 9.73 13.83 3.73
CA TYR D 85 8.56 13.04 4.06
C TYR D 85 9.01 11.64 4.47
N VAL D 86 8.49 11.19 5.61
CA VAL D 86 8.83 9.90 6.22
C VAL D 86 7.62 8.98 6.32
N GLU D 87 7.79 7.74 5.89
CA GLU D 87 6.82 6.66 6.13
C GLU D 87 7.54 5.57 6.86
N ASN D 88 7.10 5.31 8.08
CA ASN D 88 7.80 4.36 8.94
C ASN D 88 6.92 3.18 9.34
N VAL D 89 7.10 2.05 8.66
CA VAL D 89 6.33 0.82 8.86
C VAL D 89 7.11 -0.16 9.74
N GLY D 90 6.46 -0.76 10.73
CA GLY D 90 7.17 -1.63 11.69
C GLY D 90 6.34 -2.52 12.60
N ILE D 91 7.00 -3.22 13.52
CA ILE D 91 6.30 -4.02 14.53
C ILE D 91 6.83 -3.78 15.96
N ARG D 92 5.94 -3.93 16.93
CA ARG D 92 6.32 -3.95 18.33
C ARG D 92 5.74 -5.22 18.94
N PHE D 93 6.62 -6.05 19.50
CA PHE D 93 6.22 -7.32 20.08
C PHE D 93 7.08 -7.61 21.32
N GLY D 94 6.68 -8.64 22.07
CA GLY D 94 7.38 -9.07 23.28
C GLY D 94 6.48 -9.97 24.10
N PRO D 95 6.97 -10.42 25.28
CA PRO D 95 6.09 -11.23 26.14
C PRO D 95 4.92 -10.36 26.53
N VAL D 96 3.72 -10.97 26.58
CA VAL D 96 2.49 -10.19 26.54
C VAL D 96 2.29 -9.26 27.76
N GLU D 97 2.79 -9.67 28.93
CA GLU D 97 2.74 -8.83 30.14
C GLU D 97 3.39 -7.45 29.94
N LEU D 98 4.61 -7.46 29.38
CA LEU D 98 5.35 -6.22 29.10
C LEU D 98 4.63 -5.29 28.13
N LEU D 99 3.96 -5.88 27.12
CA LEU D 99 3.18 -5.13 26.14
C LEU D 99 1.96 -4.45 26.76
N ARG D 100 1.30 -5.18 27.67
CA ARG D 100 0.11 -4.65 28.35
C ARG D 100 0.43 -3.50 29.32
N LYS D 101 1.68 -3.45 29.78
CA LYS D 101 2.18 -2.31 30.56
C LYS D 101 2.40 -1.09 29.67
N LEU D 102 2.74 -1.32 28.40
CA LEU D 102 3.09 -0.24 27.47
C LEU D 102 1.97 0.68 27.03
N LYS D 103 0.71 0.26 27.21
CA LYS D 103 -0.44 1.13 26.94
C LYS D 103 -0.91 1.90 28.19
N ARG D 104 -0.92 1.23 29.34
CA ARG D 104 -1.25 1.87 30.62
C ARG D 104 -0.32 3.07 30.86
N GLY D 105 0.78 3.10 30.11
CA GLY D 105 1.73 4.23 30.09
C GLY D 105 2.88 4.07 31.08
N GLU D 106 3.40 2.80 31.13
CA GLU D 106 4.38 2.45 32.16
C GLU D 106 5.79 2.32 31.60
N PRO D 107 6.79 2.89 32.33
CA PRO D 107 8.19 2.83 31.90
C PRO D 107 8.71 1.38 31.83
N VAL D 108 8.86 0.88 30.60
CA VAL D 108 9.44 -0.42 30.33
C VAL D 108 10.71 -0.17 29.54
N ASP D 109 11.81 -0.82 29.94
CA ASP D 109 13.09 -0.63 29.29
C ASP D 109 13.08 -1.19 27.86
N PRO D 110 13.41 -0.35 26.87
CA PRO D 110 13.21 -0.67 25.46
C PRO D 110 14.04 -1.86 24.98
N LYS D 111 15.08 -2.20 25.74
CA LYS D 111 15.96 -3.33 25.41
C LYS D 111 15.24 -4.68 25.48
N VAL D 112 14.21 -4.75 26.33
CA VAL D 112 13.53 -6.02 26.62
C VAL D 112 12.27 -6.19 25.76
N ILE D 113 12.09 -5.26 24.82
CA ILE D 113 10.95 -5.26 23.90
C ILE D 113 11.46 -5.12 22.47
N TYR D 114 10.86 -5.89 21.56
CA TYR D 114 11.21 -5.86 20.14
C TYR D 114 10.41 -4.82 19.36
N PHE D 115 11.10 -3.77 18.94
CA PHE D 115 10.49 -2.65 18.26
C PHE D 115 11.48 -2.16 17.22
N ARG D 116 11.27 -2.67 16.00
CA ARG D 116 12.03 -2.41 14.78
C ARG D 116 11.12 -1.91 13.69
N THR D 117 11.65 -1.02 12.85
CA THR D 117 10.85 -0.44 11.78
C THR D 117 11.68 -0.36 10.49
N ARG D 118 11.01 0.05 9.41
CA ARG D 118 11.70 0.36 8.17
C ARG D 118 11.19 1.71 7.69
N PRO D 119 11.94 2.79 7.99
CA PRO D 119 11.55 4.14 7.59
C PRO D 119 12.05 4.43 6.21
N ARG D 120 11.14 4.94 5.38
N ARG D 120 11.21 5.12 5.44
CA ARG D 120 11.42 5.28 4.00
CA ARG D 120 11.38 5.29 4.01
C ARG D 120 11.33 6.80 3.91
C ARG D 120 11.13 6.75 3.63
N PHE D 121 12.14 7.39 3.05
CA PHE D 121 12.18 8.87 2.92
C PHE D 121 11.94 9.43 1.52
N GLU D 122 11.36 10.64 1.45
CA GLU D 122 11.20 11.35 0.18
C GLU D 122 11.54 12.83 0.27
N THR D 123 12.53 13.29 -0.53
CA THR D 123 12.90 14.70 -0.69
C THR D 123 13.24 15.06 -2.13
N GLY D 124 12.97 16.31 -2.49
CA GLY D 124 13.48 16.86 -3.73
C GLY D 124 14.82 17.54 -3.51
N HIS D 125 15.15 17.83 -2.26
CA HIS D 125 16.37 18.55 -1.90
C HIS D 125 17.62 17.79 -2.32
N PRO D 126 18.50 18.43 -3.11
CA PRO D 126 19.63 17.74 -3.73
C PRO D 126 20.67 17.19 -2.75
N ASN D 127 20.67 17.68 -1.50
CA ASN D 127 21.65 17.24 -0.49
C ASN D 127 21.26 15.95 0.26
N TYR D 128 19.96 15.68 0.34
CA TYR D 128 19.47 14.50 1.06
C TYR D 128 18.96 13.40 0.12
N GLN D 129 19.38 13.47 -1.14
CA GLN D 129 19.05 12.44 -2.13
C GLN D 129 19.45 11.03 -1.74
N TRP D 130 20.49 10.91 -0.91
CA TRP D 130 20.92 9.62 -0.39
C TRP D 130 19.86 8.91 0.48
N LEU D 131 18.91 9.67 1.00
CA LEU D 131 17.81 9.08 1.77
C LEU D 131 16.90 8.19 0.94
N GLN D 133 18.16 6.50 -1.77
CA GLN D 133 19.02 5.56 -2.49
C GLN D 133 19.52 4.40 -1.65
N TYR D 134 19.08 4.34 -0.41
CA TYR D 134 19.45 3.23 0.47
C TYR D 134 18.20 2.74 1.17
N LEU D 135 18.29 1.53 1.72
N LEU D 135 18.28 1.52 1.71
CA LEU D 135 17.28 0.99 2.61
CA LEU D 135 17.26 0.99 2.61
C LEU D 135 17.71 1.34 4.03
C LEU D 135 17.69 1.30 4.03
N PHE D 136 16.72 1.58 4.89
CA PHE D 136 17.01 1.97 6.29
C PHE D 136 16.23 1.09 7.25
N VAL D 137 16.81 0.85 8.44
CA VAL D 137 16.15 0.13 9.50
C VAL D 137 16.13 0.97 10.77
N GLY D 138 14.94 1.10 11.36
CA GLY D 138 14.84 1.79 12.63
C GLY D 138 14.84 0.73 13.70
N SER D 139 15.59 1.01 14.77
CA SER D 139 15.44 0.25 15.99
C SER D 139 14.87 1.26 16.97
N ALA D 140 13.67 0.97 17.44
CA ALA D 140 12.92 1.99 18.14
C ALA D 140 12.64 1.57 19.58
N ALA D 141 12.03 2.50 20.30
CA ALA D 141 11.83 2.43 21.72
C ALA D 141 10.59 3.24 22.06
N ARG D 142 9.77 2.73 22.99
CA ARG D 142 8.46 3.32 23.25
C ARG D 142 8.45 4.03 24.60
N HIS D 143 8.05 5.31 24.58
CA HIS D 143 7.77 6.04 25.80
C HIS D 143 6.35 6.59 25.80
N ALA D 144 5.99 7.32 26.85
CA ALA D 144 4.61 7.72 27.08
C ALA D 144 4.25 8.97 26.28
N ASP D 145 5.21 9.87 26.15
CA ASP D 145 5.00 11.12 25.43
C ASP D 145 5.71 11.12 24.09
N ARG D 146 6.77 10.31 23.98
CA ARG D 146 7.70 10.41 22.87
C ARG D 146 8.05 9.03 22.32
N VAL D 147 8.64 9.00 21.13
CA VAL D 147 9.16 7.77 20.56
C VAL D 147 10.48 8.01 19.84
N VAL D 148 11.52 7.29 20.26
CA VAL D 148 12.87 7.52 19.73
C VAL D 148 13.23 6.49 18.67
N ILE D 149 13.73 6.96 17.54
CA ILE D 149 13.92 6.12 16.36
C ILE D 149 15.37 6.16 15.88
N ASP D 150 16.12 5.12 16.20
CA ASP D 150 17.52 4.99 15.71
C ASP D 150 17.56 4.49 14.30
N VAL D 151 17.91 5.39 13.39
CA VAL D 151 17.92 5.06 11.99
C VAL D 151 19.33 4.57 11.62
N HIS D 152 19.33 3.40 10.97
CA HIS D 152 20.53 2.74 10.51
C HIS D 152 20.39 2.55 9.00
N GLN D 153 21.44 2.91 8.27
CA GLN D 153 21.53 2.75 6.83
C GLN D 153 22.02 1.34 6.55
N VAL D 154 21.38 0.67 5.61
CA VAL D 154 21.81 -0.65 5.15
C VAL D 154 22.78 -0.45 3.98
N LEU D 155 23.90 -1.15 4.05
CA LEU D 155 24.92 -1.04 3.05
C LEU D 155 24.95 -2.34 2.29
#